data_4GZ2
#
_entry.id   4GZ2
#
_cell.length_a   60.483
_cell.length_b   42.972
_cell.length_c   107.951
_cell.angle_alpha   90.000
_cell.angle_beta   95.890
_cell.angle_gamma   90.000
#
_symmetry.space_group_name_H-M   'P 1 21 1'
#
loop_
_entity.id
_entity.type
_entity.pdbx_description
1 polymer 'Tyrosyl-DNA phosphodiesterase 2'
2 polymer "DNA (5'-D(*CP*AP*TP*CP*CP*GP*AP*AP*TP*TP*CP*G)-3')"
3 non-polymer 'FORMIC ACID'
4 non-polymer 'MAGNESIUM ION'
5 water water
#
loop_
_entity_poly.entity_id
_entity_poly.type
_entity_poly.pdbx_seq_one_letter_code
_entity_poly.pdbx_strand_id
1 'polypeptide(L)'
;SNGLEDSSTISFITWNIDGLDGCNLPERARGVCSCLALYSPDVVFLQEVIPPYCAYLKKRAASYTIITGNEEGYFTAILL
KKGRVKFKSQEIIPFPNTKMMRNLLCVNVSLGGNEFCLMTSHLESTREHSAERIRQLKTVLGKMQEAPDSTTVIFAGDTN
LRDQEVIKCGGLPDNVFDAWEFLGKPKHCQYTWDTKANNNLRIPAAYKHRFDRIFFRAEEGHLIPQSLDLVGLEKLDCGR
FPSDHWGLLCTLNVV
;
A,B
2 'polydeoxyribonucleotide' (DC)(DA)(DT)(DC)(DC)(DG)(DA)(DA)(DT)(DT)(DC)(DG) D,C
#
loop_
_chem_comp.id
_chem_comp.type
_chem_comp.name
_chem_comp.formula
DA DNA linking 2'-DEOXYADENOSINE-5'-MONOPHOSPHATE 'C10 H14 N5 O6 P'
DC DNA linking 2'-DEOXYCYTIDINE-5'-MONOPHOSPHATE 'C9 H14 N3 O7 P'
DG DNA linking 2'-DEOXYGUANOSINE-5'-MONOPHOSPHATE 'C10 H14 N5 O7 P'
DT DNA linking THYMIDINE-5'-MONOPHOSPHATE 'C10 H15 N2 O8 P'
FMT non-polymer 'FORMIC ACID' 'C H2 O2'
MG non-polymer 'MAGNESIUM ION' 'Mg 2'
#
# COMPACT_ATOMS: atom_id res chain seq x y z
N SER A 8 38.37 -8.93 -23.40
CA SER A 8 37.95 -10.31 -23.15
C SER A 8 36.85 -10.36 -22.09
N THR A 9 36.98 -9.55 -21.05
CA THR A 9 36.03 -9.58 -19.95
C THR A 9 35.92 -8.25 -19.21
N ILE A 10 35.04 -8.25 -18.21
CA ILE A 10 34.97 -7.17 -17.25
C ILE A 10 34.49 -7.79 -15.95
N SER A 11 35.01 -7.34 -14.83
CA SER A 11 34.45 -7.76 -13.55
C SER A 11 34.17 -6.51 -12.77
N PHE A 12 33.14 -6.55 -11.94
CA PHE A 12 32.85 -5.42 -11.09
C PHE A 12 32.13 -5.85 -9.83
N ILE A 13 32.19 -4.98 -8.83
CA ILE A 13 31.44 -5.16 -7.60
C ILE A 13 30.49 -3.99 -7.49
N THR A 14 29.24 -4.24 -7.10
CA THR A 14 28.33 -3.20 -6.68
C THR A 14 28.02 -3.41 -5.20
N TRP A 15 27.96 -2.34 -4.42
CA TRP A 15 27.85 -2.53 -2.97
C TRP A 15 27.38 -1.27 -2.26
N ASN A 16 26.27 -1.38 -1.55
CA ASN A 16 25.85 -0.34 -0.62
C ASN A 16 26.64 -0.52 0.66
N ILE A 17 27.61 0.36 0.92
CA ILE A 17 28.53 0.13 2.04
C ILE A 17 28.10 0.76 3.37
N ASP A 18 26.86 1.22 3.42
CA ASP A 18 26.25 1.71 4.67
C ASP A 18 27.12 2.75 5.39
N GLY A 19 27.50 3.81 4.67
CA GLY A 19 28.22 4.91 5.30
C GLY A 19 27.42 5.65 6.36
N LEU A 20 26.10 5.44 6.36
CA LEU A 20 25.19 6.07 7.32
C LEU A 20 25.19 5.38 8.68
N ASP A 21 25.83 4.22 8.74
CA ASP A 21 26.06 3.53 10.02
C ASP A 21 27.39 4.02 10.56
N GLY A 22 27.34 4.80 11.64
CA GLY A 22 28.52 5.46 12.17
C GLY A 22 29.46 4.59 13.00
N CYS A 23 29.07 3.35 13.27
CA CYS A 23 29.86 2.50 14.18
C CYS A 23 30.79 1.51 13.46
N ASN A 24 32.01 1.39 13.97
CA ASN A 24 33.01 0.47 13.41
C ASN A 24 33.36 0.78 11.96
N LEU A 25 33.19 2.04 11.56
CA LEU A 25 33.46 2.44 10.19
C LEU A 25 34.88 2.15 9.72
N PRO A 26 35.88 2.45 10.58
CA PRO A 26 37.26 2.20 10.15
C PRO A 26 37.51 0.73 9.88
N GLU A 27 37.05 -0.15 10.77
CA GLU A 27 37.23 -1.57 10.55
C GLU A 27 36.41 -2.06 9.35
N ARG A 28 35.26 -1.44 9.12
CA ARG A 28 34.37 -1.87 8.05
C ARG A 28 34.95 -1.41 6.72
N ALA A 29 35.50 -0.19 6.70
CA ALA A 29 36.14 0.34 5.51
C ALA A 29 37.34 -0.54 5.14
N ARG A 30 38.09 -0.91 6.15
CA ARG A 30 39.22 -1.82 6.00
CA ARG A 30 39.22 -1.83 6.01
C ARG A 30 38.74 -3.12 5.36
N GLY A 31 37.57 -3.58 5.80
CA GLY A 31 36.98 -4.80 5.29
C GLY A 31 36.59 -4.64 3.82
N VAL A 32 35.97 -3.51 3.47
CA VAL A 32 35.61 -3.25 2.07
C VAL A 32 36.86 -3.19 1.22
N CYS A 33 37.88 -2.50 1.71
CA CYS A 33 39.11 -2.37 0.95
C CYS A 33 39.82 -3.69 0.79
N SER A 34 39.63 -4.59 1.76
CA SER A 34 40.20 -5.93 1.68
CA SER A 34 40.21 -5.93 1.67
C SER A 34 39.56 -6.68 0.51
N CYS A 35 38.24 -6.61 0.41
N CYS A 35 38.24 -6.58 0.44
CA CYS A 35 37.54 -7.27 -0.69
CA CYS A 35 37.47 -7.20 -0.63
C CYS A 35 37.97 -6.71 -2.04
C CYS A 35 37.90 -6.70 -2.00
N LEU A 36 38.22 -5.41 -2.09
CA LEU A 36 38.62 -4.81 -3.36
C LEU A 36 40.01 -5.30 -3.77
N ALA A 37 40.89 -5.49 -2.79
CA ALA A 37 42.24 -5.95 -3.10
C ALA A 37 42.22 -7.41 -3.52
N LEU A 38 41.36 -8.20 -2.86
CA LEU A 38 41.38 -9.64 -3.04
C LEU A 38 40.70 -10.04 -4.34
N TYR A 39 39.66 -9.32 -4.72
CA TYR A 39 38.94 -9.67 -5.95
C TYR A 39 39.39 -8.82 -7.14
N SER A 40 39.95 -7.65 -6.84
CA SER A 40 40.57 -6.81 -7.86
C SER A 40 39.65 -6.60 -9.07
N PRO A 41 38.43 -6.13 -8.82
CA PRO A 41 37.48 -5.83 -9.89
C PRO A 41 37.94 -4.67 -10.73
N ASP A 42 37.57 -4.64 -12.01
CA ASP A 42 37.86 -3.49 -12.88
C ASP A 42 37.12 -2.22 -12.43
N VAL A 43 35.86 -2.40 -11.99
CA VAL A 43 35.00 -1.29 -11.63
C VAL A 43 34.27 -1.60 -10.32
N VAL A 44 34.03 -0.60 -9.50
CA VAL A 44 33.23 -0.79 -8.29
C VAL A 44 32.17 0.29 -8.22
N PHE A 45 30.93 -0.15 -8.06
CA PHE A 45 29.80 0.75 -7.89
C PHE A 45 29.45 0.79 -6.41
N LEU A 46 29.56 1.94 -5.79
CA LEU A 46 29.28 2.07 -4.36
C LEU A 46 28.09 2.97 -4.11
N GLN A 47 27.28 2.63 -3.12
CA GLN A 47 26.19 3.50 -2.68
C GLN A 47 26.29 3.77 -1.18
N GLU A 48 25.65 4.83 -0.73
CA GLU A 48 25.66 5.24 0.67
C GLU A 48 27.08 5.53 1.16
N VAL A 49 27.86 6.19 0.29
CA VAL A 49 29.18 6.65 0.66
C VAL A 49 29.08 8.01 1.38
N ILE A 50 29.99 8.26 2.31
CA ILE A 50 30.04 9.56 2.97
C ILE A 50 31.45 10.13 2.79
N PRO A 51 31.61 11.45 2.99
CA PRO A 51 32.91 12.05 2.66
C PRO A 51 34.11 11.33 3.29
N PRO A 52 34.09 11.08 4.61
CA PRO A 52 35.25 10.42 5.24
C PRO A 52 35.56 9.09 4.60
N TYR A 53 34.51 8.38 4.23
CA TYR A 53 34.68 7.10 3.57
C TYR A 53 35.47 7.27 2.28
N CYS A 54 35.17 8.31 1.50
CA CYS A 54 35.99 8.61 0.31
C CYS A 54 37.44 8.80 0.68
N ALA A 55 37.69 9.57 1.73
CA ALA A 55 39.06 9.83 2.15
C ALA A 55 39.80 8.52 2.39
N TYR A 56 39.12 7.57 3.01
CA TYR A 56 39.72 6.29 3.33
C TYR A 56 40.06 5.49 2.07
N LEU A 57 39.14 5.50 1.12
CA LEU A 57 39.35 4.76 -0.12
C LEU A 57 40.54 5.31 -0.90
N LYS A 58 40.74 6.62 -0.83
CA LYS A 58 41.84 7.25 -1.55
C LYS A 58 43.20 6.79 -1.03
N LYS A 59 43.25 6.39 0.23
CA LYS A 59 44.48 5.84 0.80
C LYS A 59 44.55 4.31 0.72
N ARG A 60 43.44 3.63 0.94
CA ARG A 60 43.45 2.17 1.07
C ARG A 60 42.94 1.41 -0.15
N ALA A 61 42.53 2.16 -1.18
CA ALA A 61 42.28 1.59 -2.50
C ALA A 61 42.74 2.61 -3.53
N ALA A 62 43.99 3.03 -3.38
CA ALA A 62 44.50 4.18 -4.10
C ALA A 62 44.67 3.92 -5.60
N SER A 63 44.59 2.67 -6.02
CA SER A 63 44.70 2.38 -7.44
C SER A 63 43.35 2.44 -8.15
N TYR A 64 42.31 2.85 -7.42
CA TYR A 64 41.01 3.16 -8.03
C TYR A 64 40.80 4.67 -8.11
N THR A 65 40.40 5.16 -9.28
CA THR A 65 39.97 6.54 -9.40
C THR A 65 38.54 6.64 -8.93
N ILE A 66 38.27 7.56 -8.02
CA ILE A 66 36.91 7.73 -7.50
C ILE A 66 36.16 8.81 -8.27
N ILE A 67 35.07 8.41 -8.91
CA ILE A 67 34.24 9.31 -9.69
C ILE A 67 32.95 9.55 -8.95
N THR A 68 32.64 10.81 -8.65
CA THR A 68 31.37 11.16 -8.02
C THR A 68 30.63 12.27 -8.75
N GLY A 69 29.34 12.37 -8.47
CA GLY A 69 28.57 13.54 -8.85
C GLY A 69 28.41 14.37 -7.59
N ASN A 70 27.18 14.75 -7.27
CA ASN A 70 26.92 15.51 -6.05
C ASN A 70 27.38 14.74 -4.81
N GLU A 71 27.93 15.45 -3.82
CA GLU A 71 28.39 14.81 -2.58
C GLU A 71 27.68 15.34 -1.34
N GLU A 72 26.39 15.63 -1.46
CA GLU A 72 25.65 16.17 -0.32
C GLU A 72 25.14 15.04 0.58
N GLY A 73 25.62 15.01 1.82
CA GLY A 73 25.18 14.02 2.79
C GLY A 73 25.80 12.65 2.55
N TYR A 74 25.09 11.82 1.79
CA TYR A 74 25.61 10.53 1.39
C TYR A 74 25.32 10.37 -0.09
N PHE A 75 26.07 9.49 -0.76
CA PHE A 75 26.04 9.54 -2.22
C PHE A 75 26.62 8.30 -2.88
N THR A 76 26.50 8.22 -4.19
CA THR A 76 27.08 7.13 -4.95
C THR A 76 28.45 7.49 -5.49
N ALA A 77 29.21 6.47 -5.87
CA ALA A 77 30.50 6.67 -6.49
C ALA A 77 30.80 5.50 -7.40
N ILE A 78 31.59 5.77 -8.43
CA ILE A 78 32.04 4.73 -9.29
C ILE A 78 33.56 4.76 -9.32
N LEU A 79 34.18 3.63 -8.97
CA LEU A 79 35.62 3.50 -8.87
C LEU A 79 36.16 2.77 -10.09
N LEU A 80 37.24 3.29 -10.65
CA LEU A 80 37.80 2.75 -11.89
C LEU A 80 39.23 2.34 -11.68
N LYS A 81 39.55 1.09 -12.04
CA LYS A 81 40.89 0.58 -11.83
C LYS A 81 41.89 1.30 -12.73
N LYS A 82 42.85 2.00 -12.12
CA LYS A 82 43.84 2.75 -12.89
C LYS A 82 44.64 1.82 -13.79
N GLY A 83 44.76 2.17 -15.06
CA GLY A 83 45.50 1.35 -16.00
C GLY A 83 44.64 0.37 -16.78
N ARG A 84 43.56 -0.11 -16.18
CA ARG A 84 42.62 -0.98 -16.88
C ARG A 84 41.50 -0.19 -17.54
N VAL A 85 40.97 0.79 -16.82
CA VAL A 85 39.77 1.51 -17.26
C VAL A 85 40.16 2.94 -17.54
N LYS A 86 39.83 3.44 -18.72
CA LYS A 86 40.09 4.84 -19.04
C LYS A 86 38.81 5.64 -19.02
N PHE A 87 38.77 6.66 -18.16
CA PHE A 87 37.64 7.56 -18.09
C PHE A 87 37.53 8.39 -19.36
N LYS A 88 36.33 8.47 -19.93
CA LYS A 88 36.11 9.36 -21.07
C LYS A 88 35.23 10.55 -20.70
N SER A 89 34.12 10.29 -20.03
CA SER A 89 33.22 11.39 -19.64
C SER A 89 32.19 10.94 -18.63
N GLN A 90 31.54 11.90 -17.98
CA GLN A 90 30.45 11.59 -17.07
C GLN A 90 29.22 12.44 -17.34
N GLU A 91 28.08 11.95 -16.90
CA GLU A 91 26.80 12.60 -17.08
C GLU A 91 25.97 12.30 -15.85
N ILE A 92 25.31 13.31 -15.29
CA ILE A 92 24.38 13.10 -14.18
C ILE A 92 22.97 13.34 -14.67
N ILE A 93 22.11 12.35 -14.48
CA ILE A 93 20.69 12.50 -14.78
C ILE A 93 19.91 12.65 -13.48
N PRO A 94 19.21 13.78 -13.32
CA PRO A 94 18.50 14.02 -12.06
C PRO A 94 17.20 13.22 -11.97
N PHE A 95 16.77 12.93 -10.74
CA PHE A 95 15.44 12.41 -10.47
C PHE A 95 14.67 13.58 -9.87
N PRO A 96 13.87 14.29 -10.68
CA PRO A 96 13.25 15.54 -10.24
C PRO A 96 12.42 15.44 -8.96
N ASN A 97 11.80 14.28 -8.70
CA ASN A 97 10.88 14.17 -7.58
C ASN A 97 11.49 13.46 -6.36
N THR A 98 12.80 13.23 -6.37
CA THR A 98 13.42 12.58 -5.24
C THR A 98 13.32 13.44 -3.98
N LYS A 99 13.12 12.80 -2.85
CA LYS A 99 13.15 13.48 -1.57
C LYS A 99 14.41 13.10 -0.79
N MET A 100 15.29 12.32 -1.42
CA MET A 100 16.47 11.78 -0.74
C MET A 100 17.75 11.98 -1.55
N MET A 101 17.75 13.04 -2.37
CA MET A 101 18.95 13.40 -3.12
CA MET A 101 18.91 13.42 -3.17
C MET A 101 19.46 12.28 -4.01
N ARG A 102 18.57 11.47 -4.58
CA ARG A 102 19.01 10.37 -5.44
C ARG A 102 19.11 10.83 -6.88
N ASN A 103 19.91 10.13 -7.67
CA ASN A 103 20.13 10.50 -9.05
C ASN A 103 20.79 9.37 -9.78
N LEU A 104 20.98 9.57 -11.08
CA LEU A 104 21.66 8.57 -11.90
C LEU A 104 23.02 9.11 -12.35
N LEU A 105 24.07 8.40 -11.97
CA LEU A 105 25.43 8.75 -12.31
C LEU A 105 25.89 7.84 -13.43
N CYS A 106 26.23 8.42 -14.57
CA CYS A 106 26.71 7.66 -15.72
C CYS A 106 28.15 8.05 -16.05
N VAL A 107 29.00 7.06 -16.24
CA VAL A 107 30.37 7.32 -16.67
CA VAL A 107 30.37 7.30 -16.65
C VAL A 107 30.68 6.49 -17.90
N ASN A 108 31.13 7.17 -18.94
CA ASN A 108 31.56 6.48 -20.14
C ASN A 108 33.03 6.15 -19.98
N VAL A 109 33.41 4.91 -20.30
CA VAL A 109 34.80 4.48 -20.15
C VAL A 109 35.21 3.55 -21.28
N SER A 110 36.51 3.33 -21.39
CA SER A 110 37.05 2.32 -22.27
C SER A 110 37.71 1.24 -21.44
N LEU A 111 37.37 -0.02 -21.71
CA LEU A 111 38.00 -1.15 -21.02
C LEU A 111 38.22 -2.29 -22.00
N GLY A 112 39.43 -2.83 -22.02
CA GLY A 112 39.77 -3.94 -22.90
C GLY A 112 39.46 -3.66 -24.36
N GLY A 113 39.66 -2.43 -24.79
CA GLY A 113 39.43 -2.04 -26.17
C GLY A 113 37.96 -1.84 -26.51
N ASN A 114 37.10 -1.94 -25.49
CA ASN A 114 35.66 -1.77 -25.68
C ASN A 114 35.17 -0.54 -24.93
N GLU A 115 34.10 0.06 -25.44
CA GLU A 115 33.48 1.22 -24.81
C GLU A 115 32.27 0.82 -23.98
N PHE A 116 32.16 1.42 -22.80
CA PHE A 116 31.11 1.08 -21.84
C PHE A 116 30.48 2.34 -21.29
N CYS A 117 29.18 2.30 -21.07
CA CYS A 117 28.49 3.30 -20.27
C CYS A 117 28.07 2.61 -18.99
N LEU A 118 28.70 3.02 -17.89
CA LEU A 118 28.47 2.43 -16.57
C LEU A 118 27.58 3.38 -15.77
N MET A 119 26.52 2.85 -15.19
CA MET A 119 25.55 3.68 -14.49
C MET A 119 25.34 3.13 -13.10
N THR A 120 25.16 4.02 -12.14
CA THR A 120 24.73 3.59 -10.82
C THR A 120 23.77 4.57 -10.19
N SER A 121 22.98 4.04 -9.28
CA SER A 121 22.01 4.85 -8.57
C SER A 121 21.68 4.16 -7.27
N HIS A 122 21.13 4.93 -6.35
CA HIS A 122 20.58 4.39 -5.14
C HIS A 122 19.13 4.85 -5.22
N LEU A 123 18.25 3.99 -5.73
CA LEU A 123 16.87 4.40 -5.96
C LEU A 123 16.13 4.68 -4.66
N GLU A 124 15.09 5.51 -4.74
CA GLU A 124 14.35 5.96 -3.56
C GLU A 124 14.11 4.80 -2.61
N SER A 125 14.32 5.05 -1.33
CA SER A 125 14.29 3.99 -0.32
C SER A 125 12.93 3.81 0.34
N THR A 126 12.72 2.63 0.91
CA THR A 126 11.59 2.30 1.76
C THR A 126 10.33 1.91 1.00
N ARG A 127 9.49 1.11 1.66
CA ARG A 127 8.31 0.55 1.03
C ARG A 127 7.35 1.61 0.51
N GLU A 128 7.03 2.60 1.35
CA GLU A 128 6.00 3.56 1.00
C GLU A 128 6.39 4.51 -0.13
N HIS A 129 7.66 4.50 -0.54
CA HIS A 129 8.07 5.33 -1.67
C HIS A 129 8.19 4.49 -2.95
N SER A 130 7.33 3.49 -3.06
CA SER A 130 7.30 2.61 -4.23
C SER A 130 7.07 3.39 -5.53
N ALA A 131 6.13 4.33 -5.50
CA ALA A 131 5.77 5.09 -6.70
C ALA A 131 6.95 5.87 -7.27
N GLU A 132 7.65 6.60 -6.40
CA GLU A 132 8.83 7.34 -6.83
C GLU A 132 9.94 6.41 -7.29
N ARG A 133 10.15 5.31 -6.56
CA ARG A 133 11.18 4.33 -6.92
C ARG A 133 10.88 3.74 -8.30
N ILE A 134 9.62 3.51 -8.61
CA ILE A 134 9.26 2.97 -9.92
C ILE A 134 9.49 4.02 -11.00
N ARG A 135 9.15 5.28 -10.73
CA ARG A 135 9.40 6.33 -11.70
C ARG A 135 10.90 6.45 -12.00
N GLN A 136 11.73 6.30 -10.97
CA GLN A 136 13.17 6.39 -11.15
C GLN A 136 13.68 5.20 -11.97
N LEU A 137 13.14 4.01 -11.72
CA LEU A 137 13.52 2.83 -12.50
C LEU A 137 13.26 3.08 -13.99
N LYS A 138 12.09 3.61 -14.31
CA LYS A 138 11.74 3.94 -15.71
C LYS A 138 12.74 4.91 -16.32
N THR A 139 13.15 5.90 -15.54
CA THR A 139 14.13 6.86 -16.01
C THR A 139 15.44 6.15 -16.34
N VAL A 140 15.91 5.30 -15.43
CA VAL A 140 17.14 4.53 -15.64
C VAL A 140 17.03 3.66 -16.90
N LEU A 141 15.98 2.84 -16.96
CA LEU A 141 15.78 1.94 -18.09
C LEU A 141 15.70 2.73 -19.42
N GLY A 142 15.09 3.91 -19.37
CA GLY A 142 15.00 4.75 -20.55
C GLY A 142 16.36 5.26 -20.97
N LYS A 143 17.17 5.60 -19.98
CA LYS A 143 18.51 6.11 -20.24
C LYS A 143 19.39 5.03 -20.85
N MET A 144 19.17 3.77 -20.46
CA MET A 144 19.99 2.68 -20.95
C MET A 144 19.83 2.50 -22.45
N GLN A 145 18.70 2.95 -22.99
CA GLN A 145 18.41 2.77 -24.41
C GLN A 145 19.03 3.86 -25.29
N GLU A 146 19.53 4.94 -24.68
CA GLU A 146 19.98 6.10 -25.44
C GLU A 146 21.37 5.94 -26.08
N ALA A 147 22.27 5.21 -25.42
CA ALA A 147 23.62 5.04 -25.93
C ALA A 147 23.63 4.26 -27.24
N PRO A 148 24.60 4.56 -28.12
CA PRO A 148 24.68 3.83 -29.40
C PRO A 148 24.91 2.35 -29.15
N ASP A 149 24.49 1.51 -30.10
CA ASP A 149 24.59 0.06 -29.93
C ASP A 149 26.02 -0.38 -29.69
N SER A 150 26.97 0.33 -30.30
CA SER A 150 28.38 0.00 -30.14
C SER A 150 28.80 0.02 -28.67
N THR A 151 28.24 0.97 -27.91
CA THR A 151 28.56 1.08 -26.49
C THR A 151 27.82 0.03 -25.66
N THR A 152 28.52 -0.57 -24.72
CA THR A 152 27.93 -1.56 -23.84
C THR A 152 27.46 -0.87 -22.55
N VAL A 153 26.19 -1.03 -22.21
CA VAL A 153 25.60 -0.30 -21.10
C VAL A 153 25.35 -1.25 -19.93
N ILE A 154 25.85 -0.85 -18.78
CA ILE A 154 25.69 -1.65 -17.58
C ILE A 154 25.24 -0.77 -16.44
N PHE A 155 24.12 -1.14 -15.82
CA PHE A 155 23.67 -0.45 -14.61
C PHE A 155 23.80 -1.39 -13.43
N ALA A 156 24.36 -0.89 -12.33
CA ALA A 156 24.43 -1.69 -11.13
C ALA A 156 24.26 -0.77 -9.94
N GLY A 157 23.36 -1.11 -9.04
CA GLY A 157 23.15 -0.27 -7.88
C GLY A 157 22.21 -0.87 -6.87
N ASP A 158 21.95 -0.09 -5.82
CA ASP A 158 20.96 -0.46 -4.82
C ASP A 158 19.60 0.06 -5.27
N THR A 159 18.76 -0.84 -5.75
CA THR A 159 17.51 -0.45 -6.37
C THR A 159 16.36 -0.40 -5.36
N ASN A 160 16.56 -0.95 -4.17
CA ASN A 160 15.48 -1.03 -3.17
C ASN A 160 14.21 -1.70 -3.69
N LEU A 161 14.31 -2.45 -4.77
CA LEU A 161 13.12 -3.05 -5.39
C LEU A 161 12.65 -4.28 -4.61
N ARG A 162 11.33 -4.42 -4.49
CA ARG A 162 10.75 -5.60 -3.87
C ARG A 162 9.60 -6.14 -4.71
N ASP A 163 9.05 -7.27 -4.27
CA ASP A 163 8.07 -8.01 -5.06
C ASP A 163 7.26 -7.14 -6.02
N GLN A 164 7.18 -7.61 -7.26
CA GLN A 164 6.28 -7.06 -8.28
C GLN A 164 6.55 -5.63 -8.77
N GLU A 165 7.42 -4.89 -8.11
CA GLU A 165 7.63 -3.49 -8.49
C GLU A 165 8.12 -3.39 -9.93
N VAL A 166 9.00 -4.29 -10.34
CA VAL A 166 9.49 -4.26 -11.72
C VAL A 166 8.35 -4.52 -12.70
N ILE A 167 7.48 -5.46 -12.38
CA ILE A 167 6.30 -5.71 -13.21
C ILE A 167 5.43 -4.46 -13.22
N LYS A 168 5.19 -3.90 -12.05
CA LYS A 168 4.41 -2.66 -11.91
C LYS A 168 4.95 -1.58 -12.83
N CYS A 169 6.21 -1.71 -13.22
CA CYS A 169 6.88 -0.71 -14.05
C CYS A 169 6.73 -1.02 -15.53
N GLY A 170 6.18 -2.18 -15.85
CA GLY A 170 6.04 -2.61 -17.23
C GLY A 170 7.09 -3.65 -17.62
N GLY A 171 7.99 -3.94 -16.68
CA GLY A 171 9.00 -4.96 -16.89
C GLY A 171 10.18 -4.41 -17.64
N LEU A 172 11.26 -5.18 -17.68
CA LEU A 172 12.45 -4.77 -18.42
C LEU A 172 12.12 -4.77 -19.90
N PRO A 173 12.64 -3.79 -20.65
CA PRO A 173 12.48 -3.84 -22.11
C PRO A 173 13.19 -5.07 -22.66
N ASP A 174 12.86 -5.45 -23.89
CA ASP A 174 13.29 -6.74 -24.41
C ASP A 174 14.79 -6.87 -24.60
N ASN A 175 15.50 -5.73 -24.58
CA ASN A 175 16.95 -5.75 -24.79
C ASN A 175 17.73 -5.43 -23.52
N VAL A 176 17.05 -5.49 -22.38
CA VAL A 176 17.70 -5.28 -21.09
C VAL A 176 17.43 -6.46 -20.16
N PHE A 177 18.48 -6.95 -19.52
CA PHE A 177 18.42 -8.17 -18.72
C PHE A 177 18.96 -7.93 -17.34
N ASP A 178 18.42 -8.68 -16.38
CA ASP A 178 18.93 -8.68 -15.02
C ASP A 178 19.93 -9.84 -14.93
N ALA A 179 21.15 -9.55 -14.50
CA ALA A 179 22.22 -10.54 -14.54
C ALA A 179 21.90 -11.77 -13.70
N TRP A 180 21.19 -11.58 -12.58
CA TRP A 180 20.81 -12.71 -11.73
C TRP A 180 19.80 -13.61 -12.46
N GLU A 181 18.79 -13.00 -13.05
CA GLU A 181 17.78 -13.74 -13.80
C GLU A 181 18.43 -14.45 -14.99
N PHE A 182 19.38 -13.77 -15.62
CA PHE A 182 20.07 -14.29 -16.80
C PHE A 182 20.82 -15.57 -16.47
N LEU A 183 21.40 -15.60 -15.27
CA LEU A 183 22.21 -16.73 -14.84
C LEU A 183 21.36 -17.86 -14.25
N GLY A 184 20.04 -17.71 -14.32
CA GLY A 184 19.13 -18.77 -13.91
C GLY A 184 18.67 -18.66 -12.46
N LYS A 185 18.75 -17.45 -11.92
CA LYS A 185 18.31 -17.18 -10.56
C LYS A 185 18.98 -18.12 -9.55
N PRO A 186 20.32 -18.13 -9.54
CA PRO A 186 21.04 -18.98 -8.60
C PRO A 186 20.72 -18.61 -7.16
N LYS A 187 20.44 -19.62 -6.34
CA LYS A 187 20.01 -19.39 -4.96
C LYS A 187 21.13 -18.86 -4.06
N HIS A 188 22.37 -19.12 -4.41
CA HIS A 188 23.49 -18.77 -3.54
C HIS A 188 23.68 -17.26 -3.40
N CYS A 189 23.18 -16.49 -4.38
CA CYS A 189 23.26 -15.04 -4.32
C CYS A 189 21.89 -14.37 -4.50
N GLN A 190 20.82 -15.10 -4.20
CA GLN A 190 19.50 -14.55 -4.38
C GLN A 190 19.35 -13.24 -3.60
N TYR A 191 19.54 -13.30 -2.29
CA TYR A 191 19.33 -12.15 -1.43
C TYR A 191 20.62 -11.41 -1.12
N THR A 192 20.61 -10.09 -1.31
CA THR A 192 21.78 -9.24 -1.09
C THR A 192 21.62 -8.44 0.20
N TRP A 193 20.46 -8.59 0.83
CA TRP A 193 20.15 -7.95 2.11
C TRP A 193 19.35 -8.97 2.93
N ASP A 194 19.89 -9.42 4.06
CA ASP A 194 19.34 -10.59 4.75
C ASP A 194 19.55 -10.50 6.26
N THR A 195 18.51 -10.18 7.01
CA THR A 195 18.68 -9.89 8.43
C THR A 195 18.89 -11.16 9.26
N LYS A 196 18.61 -12.32 8.67
CA LYS A 196 18.89 -13.59 9.31
C LYS A 196 20.38 -13.86 9.39
N ALA A 197 21.06 -13.63 8.27
CA ALA A 197 22.48 -13.95 8.13
C ALA A 197 23.37 -12.75 8.47
N ASN A 198 22.80 -11.55 8.38
CA ASN A 198 23.54 -10.32 8.63
C ASN A 198 22.90 -9.58 9.80
N ASN A 199 23.69 -9.28 10.84
CA ASN A 199 23.13 -8.67 12.04
C ASN A 199 23.59 -7.23 12.30
N ASN A 200 24.05 -6.56 11.26
CA ASN A 200 24.51 -5.17 11.39
C ASN A 200 23.46 -4.19 11.89
N LEU A 201 22.19 -4.42 11.57
CA LEU A 201 21.13 -3.54 12.06
C LEU A 201 20.47 -4.11 13.32
N ARG A 202 20.80 -5.35 13.65
CA ARG A 202 20.28 -6.02 14.84
C ARG A 202 18.76 -6.21 14.79
N ILE A 203 18.22 -6.32 13.59
CA ILE A 203 16.80 -6.59 13.42
C ILE A 203 16.47 -8.02 13.83
N PRO A 204 15.59 -8.18 14.82
CA PRO A 204 15.19 -9.52 15.30
C PRO A 204 14.61 -10.40 14.20
N ALA A 205 13.71 -9.85 13.39
CA ALA A 205 12.98 -10.64 12.41
C ALA A 205 13.89 -11.17 11.31
N ALA A 206 13.35 -12.06 10.49
CA ALA A 206 14.05 -12.57 9.33
C ALA A 206 13.46 -11.99 8.05
N TYR A 207 14.08 -10.93 7.55
CA TYR A 207 13.67 -10.35 6.28
C TYR A 207 14.80 -10.49 5.27
N LYS A 208 14.44 -10.84 4.04
CA LYS A 208 15.42 -11.12 2.99
C LYS A 208 15.01 -10.41 1.71
N HIS A 209 15.91 -9.62 1.15
CA HIS A 209 15.61 -8.88 -0.07
C HIS A 209 16.75 -8.90 -1.08
N ARG A 210 16.40 -8.69 -2.34
CA ARG A 210 17.37 -8.58 -3.41
C ARG A 210 17.31 -7.13 -3.90
N PHE A 211 17.87 -6.23 -3.09
CA PHE A 211 17.82 -4.81 -3.39
C PHE A 211 18.87 -4.44 -4.41
N ASP A 212 19.98 -5.15 -4.37
CA ASP A 212 21.11 -4.84 -5.22
C ASP A 212 21.00 -5.64 -6.51
N ARG A 213 20.97 -4.94 -7.63
CA ARG A 213 20.73 -5.57 -8.91
C ARG A 213 21.62 -5.03 -10.01
N ILE A 214 21.83 -5.88 -11.02
CA ILE A 214 22.63 -5.54 -12.18
CA ILE A 214 22.64 -5.54 -12.18
C ILE A 214 21.82 -5.70 -13.45
N PHE A 215 21.72 -4.62 -14.23
CA PHE A 215 21.03 -4.66 -15.51
C PHE A 215 22.02 -4.35 -16.62
N PHE A 216 21.89 -5.04 -17.75
CA PHE A 216 22.77 -4.75 -18.88
C PHE A 216 21.98 -4.80 -20.17
N ARG A 217 22.42 -4.03 -21.16
CA ARG A 217 21.76 -4.04 -22.46
C ARG A 217 22.53 -4.91 -23.43
N ALA A 218 21.82 -5.81 -24.10
N ALA A 218 21.84 -5.83 -24.11
CA ALA A 218 22.41 -6.68 -25.11
CA ALA A 218 22.52 -6.80 -24.97
C ALA A 218 21.38 -6.94 -26.21
C ALA A 218 22.25 -6.59 -26.45
N GLU A 219 21.69 -6.46 -27.42
N GLU A 219 21.02 -6.92 -26.87
CA GLU A 219 20.77 -6.59 -28.54
CA GLU A 219 20.62 -6.88 -28.28
C GLU A 219 21.11 -7.83 -29.38
C GLU A 219 21.06 -8.14 -29.04
N GLU A 220 22.36 -8.28 -29.28
CA GLU A 220 22.85 -9.37 -30.11
C GLU A 220 23.77 -10.34 -29.36
N GLY A 221 23.67 -10.37 -28.03
CA GLY A 221 24.42 -11.32 -27.23
C GLY A 221 25.91 -11.05 -27.15
N HIS A 222 26.30 -9.80 -27.26
CA HIS A 222 27.71 -9.43 -27.22
CA HIS A 222 27.71 -9.43 -27.22
C HIS A 222 28.24 -9.37 -25.79
N LEU A 223 27.34 -9.38 -24.83
CA LEU A 223 27.74 -9.37 -23.42
C LEU A 223 27.05 -10.51 -22.68
N ILE A 224 27.85 -11.40 -22.10
CA ILE A 224 27.30 -12.58 -21.46
C ILE A 224 27.87 -12.77 -20.06
N PRO A 225 27.03 -12.59 -19.03
CA PRO A 225 27.46 -12.83 -17.65
C PRO A 225 28.02 -14.24 -17.48
N GLN A 226 29.10 -14.32 -16.72
CA GLN A 226 29.76 -15.60 -16.47
C GLN A 226 29.51 -16.08 -15.06
N SER A 227 29.48 -15.15 -14.11
CA SER A 227 29.35 -15.51 -12.71
C SER A 227 28.78 -14.36 -11.89
N LEU A 228 28.18 -14.72 -10.75
CA LEU A 228 27.68 -13.73 -9.81
C LEU A 228 27.87 -14.35 -8.43
N ASP A 229 28.45 -13.60 -7.51
CA ASP A 229 28.68 -14.13 -6.16
C ASP A 229 28.49 -13.02 -5.11
N LEU A 230 28.20 -13.41 -3.89
CA LEU A 230 28.09 -12.44 -2.80
C LEU A 230 29.49 -12.20 -2.26
N VAL A 231 29.81 -10.95 -1.96
CA VAL A 231 31.04 -10.66 -1.24
C VAL A 231 30.68 -9.89 0.03
N GLY A 232 31.62 -9.83 0.97
CA GLY A 232 31.41 -9.13 2.22
C GLY A 232 30.73 -10.04 3.23
N LEU A 233 30.96 -11.34 3.10
CA LEU A 233 30.29 -12.34 3.93
C LEU A 233 31.08 -12.65 5.19
N GLU A 234 32.30 -12.17 5.26
CA GLU A 234 33.18 -12.48 6.36
C GLU A 234 32.99 -11.49 7.49
N LYS A 235 32.60 -12.00 8.65
CA LYS A 235 32.50 -11.19 9.85
C LYS A 235 33.88 -10.68 10.24
N LEU A 236 33.94 -9.42 10.67
CA LEU A 236 35.18 -8.79 11.08
C LEU A 236 35.41 -9.01 12.55
N ASP A 237 36.55 -8.55 13.06
CA ASP A 237 36.91 -8.81 14.44
C ASP A 237 35.91 -8.20 15.43
N CYS A 238 35.19 -7.16 15.01
CA CYS A 238 34.25 -6.48 15.88
C CYS A 238 32.90 -7.20 15.95
N GLY A 239 32.78 -8.33 15.27
CA GLY A 239 31.56 -9.10 15.31
C GLY A 239 30.47 -8.49 14.47
N ARG A 240 30.89 -7.77 13.42
CA ARG A 240 29.96 -7.15 12.49
C ARG A 240 30.52 -7.29 11.07
N PHE A 241 29.67 -7.07 10.09
CA PHE A 241 30.07 -7.20 8.70
C PHE A 241 30.44 -5.85 8.14
N PRO A 242 31.05 -5.81 6.96
CA PRO A 242 31.36 -4.51 6.38
C PRO A 242 30.14 -3.61 6.21
N SER A 243 29.00 -4.19 5.83
CA SER A 243 27.78 -3.44 5.58
C SER A 243 26.58 -4.28 6.00
N ASP A 244 25.39 -3.70 5.97
CA ASP A 244 24.18 -4.48 6.18
C ASP A 244 23.78 -5.16 4.87
N HIS A 245 24.41 -4.74 3.78
CA HIS A 245 24.22 -5.42 2.49
C HIS A 245 25.40 -6.33 2.23
N TRP A 246 25.17 -7.43 1.52
CA TRP A 246 26.27 -8.14 0.88
C TRP A 246 26.58 -7.40 -0.41
N GLY A 247 27.83 -7.40 -0.84
CA GLY A 247 28.17 -6.87 -2.16
C GLY A 247 27.90 -7.94 -3.21
N LEU A 248 27.85 -7.52 -4.47
CA LEU A 248 27.70 -8.45 -5.60
C LEU A 248 28.88 -8.35 -6.53
N LEU A 249 29.58 -9.46 -6.72
CA LEU A 249 30.68 -9.54 -7.65
C LEU A 249 30.24 -10.26 -8.92
N CYS A 250 30.42 -9.62 -10.06
CA CYS A 250 29.94 -10.14 -11.33
C CYS A 250 31.06 -10.09 -12.36
N THR A 251 31.23 -11.16 -13.12
CA THR A 251 32.15 -11.14 -14.24
C THR A 251 31.36 -11.39 -15.51
N LEU A 252 31.65 -10.61 -16.54
CA LEU A 252 30.96 -10.73 -17.82
C LEU A 252 31.95 -10.85 -18.97
N ASN A 253 31.60 -11.67 -19.96
CA ASN A 253 32.39 -11.81 -21.16
C ASN A 253 31.86 -10.94 -22.27
N VAL A 254 32.76 -10.25 -22.95
CA VAL A 254 32.42 -9.48 -24.13
C VAL A 254 32.67 -10.34 -25.37
N VAL A 255 31.60 -10.79 -26.00
CA VAL A 255 31.71 -11.71 -27.13
C VAL A 255 31.58 -10.96 -28.46
N SER C 8 -46.17 2.66 -0.86
CA SER C 8 -45.19 2.27 -1.86
C SER C 8 -43.80 2.79 -1.52
N THR C 9 -43.48 2.87 -0.23
CA THR C 9 -42.23 3.48 0.19
C THR C 9 -41.54 2.72 1.32
N ILE C 10 -40.25 2.98 1.48
CA ILE C 10 -39.54 2.58 2.68
C ILE C 10 -38.58 3.70 3.02
N SER C 11 -38.47 4.03 4.31
CA SER C 11 -37.49 5.00 4.75
C SER C 11 -36.61 4.31 5.76
N PHE C 12 -35.33 4.67 5.76
CA PHE C 12 -34.41 4.06 6.68
C PHE C 12 -33.21 4.93 6.97
N ILE C 13 -32.60 4.67 8.11
CA ILE C 13 -31.35 5.31 8.49
C ILE C 13 -30.30 4.23 8.63
N THR C 14 -29.08 4.50 8.13
CA THR C 14 -27.93 3.68 8.47
C THR C 14 -26.89 4.56 9.20
N TRP C 15 -26.28 4.02 10.24
CA TRP C 15 -25.46 4.85 11.12
C TRP C 15 -24.50 4.03 11.92
N ASN C 16 -23.21 4.32 11.80
CA ASN C 16 -22.24 3.79 12.71
C ASN C 16 -22.25 4.69 13.93
N ILE C 17 -22.76 4.21 15.07
CA ILE C 17 -22.99 5.11 16.19
C ILE C 17 -21.87 5.14 17.22
N ASP C 18 -20.72 4.55 16.85
CA ASP C 18 -19.48 4.65 17.61
C ASP C 18 -19.66 4.24 19.07
N GLY C 19 -20.20 3.04 19.28
CA GLY C 19 -20.32 2.48 20.62
C GLY C 19 -18.97 2.29 21.32
N LEU C 20 -17.90 2.26 20.55
CA LEU C 20 -16.54 2.07 21.09
C LEU C 20 -15.94 3.36 21.67
N ASP C 21 -16.67 4.46 21.50
CA ASP C 21 -16.30 5.74 22.14
C ASP C 21 -17.04 5.82 23.46
N GLY C 22 -16.31 5.68 24.56
CA GLY C 22 -16.94 5.63 25.87
C GLY C 22 -17.32 6.99 26.43
N CYS C 23 -16.93 8.05 25.73
CA CYS C 23 -17.17 9.42 26.19
CA CYS C 23 -17.18 9.41 26.20
C CYS C 23 -18.59 9.90 25.88
N ASN C 24 -19.32 10.27 26.93
CA ASN C 24 -20.68 10.82 26.78
C ASN C 24 -21.68 9.86 26.14
N LEU C 25 -21.60 8.58 26.46
CA LEU C 25 -22.47 7.61 25.81
C LEU C 25 -23.96 7.80 26.06
N PRO C 26 -24.34 8.05 27.32
CA PRO C 26 -25.75 8.27 27.62
C PRO C 26 -26.34 9.42 26.80
N GLU C 27 -25.61 10.52 26.71
CA GLU C 27 -26.09 11.70 26.01
C GLU C 27 -26.13 11.48 24.50
N ARG C 28 -25.17 10.73 24.01
CA ARG C 28 -25.09 10.46 22.58
C ARG C 28 -26.17 9.47 22.15
N ALA C 29 -26.43 8.48 23.00
CA ALA C 29 -27.51 7.54 22.72
C ALA C 29 -28.85 8.27 22.72
N ARG C 30 -29.01 9.22 23.64
CA ARG C 30 -30.20 10.04 23.73
C ARG C 30 -30.38 10.83 22.43
N GLY C 31 -29.27 11.35 21.91
CA GLY C 31 -29.31 12.09 20.66
C GLY C 31 -29.63 11.21 19.45
N VAL C 32 -29.12 9.99 19.43
CA VAL C 32 -29.46 9.07 18.36
C VAL C 32 -30.97 8.76 18.45
N CYS C 33 -31.46 8.51 19.66
CA CYS C 33 -32.88 8.23 19.84
C CYS C 33 -33.74 9.43 19.49
N SER C 34 -33.20 10.64 19.62
CA SER C 34 -33.91 11.86 19.24
CA SER C 34 -33.92 11.84 19.23
C SER C 34 -34.08 11.89 17.71
N CYS C 35 -33.02 11.54 16.99
CA CYS C 35 -33.10 11.48 15.54
C CYS C 35 -34.11 10.44 15.12
N LEU C 36 -34.11 9.29 15.79
CA LEU C 36 -35.05 8.23 15.45
C LEU C 36 -36.49 8.69 15.66
N ALA C 37 -36.76 9.39 16.76
CA ALA C 37 -38.09 9.90 17.04
C ALA C 37 -38.49 10.99 16.03
N LEU C 38 -37.55 11.83 15.67
CA LEU C 38 -37.86 12.98 14.82
C LEU C 38 -38.04 12.54 13.37
N TYR C 39 -37.24 11.60 12.90
CA TYR C 39 -37.31 11.21 11.49
C TYR C 39 -38.22 9.99 11.28
N SER C 40 -38.37 9.20 12.35
CA SER C 40 -39.33 8.10 12.37
C SER C 40 -39.19 7.15 11.17
N PRO C 41 -37.99 6.62 10.93
CA PRO C 41 -37.78 5.70 9.81
C PRO C 41 -38.42 4.35 10.07
N ASP C 42 -38.73 3.62 9.01
CA ASP C 42 -39.24 2.27 9.13
C ASP C 42 -38.20 1.28 9.67
N VAL C 43 -36.96 1.48 9.23
CA VAL C 43 -35.86 0.58 9.55
C VAL C 43 -34.60 1.40 9.89
N VAL C 44 -33.83 0.91 10.84
CA VAL C 44 -32.55 1.53 11.17
C VAL C 44 -31.48 0.46 11.14
N PHE C 45 -30.41 0.74 10.43
CA PHE C 45 -29.24 -0.11 10.36
C PHE C 45 -28.16 0.55 11.21
N LEU C 46 -27.70 -0.14 12.25
CA LEU C 46 -26.69 0.42 13.16
C LEU C 46 -25.45 -0.43 13.15
N GLN C 47 -24.29 0.22 13.23
CA GLN C 47 -23.02 -0.48 13.35
C GLN C 47 -22.28 0.04 14.58
N GLU C 48 -21.36 -0.77 15.09
CA GLU C 48 -20.60 -0.41 16.29
C GLU C 48 -21.50 -0.21 17.51
N VAL C 49 -22.51 -1.07 17.63
CA VAL C 49 -23.34 -1.10 18.82
C VAL C 49 -22.64 -1.93 19.90
N ILE C 50 -22.81 -1.54 21.17
CA ILE C 50 -22.33 -2.36 22.27
C ILE C 50 -23.52 -2.70 23.18
N PRO C 51 -23.36 -3.71 24.05
CA PRO C 51 -24.54 -4.18 24.79
C PRO C 51 -25.30 -3.10 25.57
N PRO C 52 -24.60 -2.23 26.31
CA PRO C 52 -25.31 -1.19 27.07
C PRO C 52 -26.09 -0.25 26.16
N TYR C 53 -25.62 -0.08 24.94
CA TYR C 53 -26.29 0.76 23.98
C TYR C 53 -27.62 0.11 23.58
N CYS C 54 -27.61 -1.20 23.39
CA CYS C 54 -28.86 -1.91 23.10
C CYS C 54 -29.87 -1.65 24.19
N ALA C 55 -29.42 -1.77 25.44
CA ALA C 55 -30.31 -1.61 26.58
C ALA C 55 -30.93 -0.22 26.56
N TYR C 56 -30.14 0.76 26.18
CA TYR C 56 -30.65 2.12 26.06
C TYR C 56 -31.72 2.22 24.97
N LEU C 57 -31.43 1.67 23.81
CA LEU C 57 -32.41 1.70 22.72
C LEU C 57 -33.71 1.01 23.14
N LYS C 58 -33.60 -0.01 23.98
CA LYS C 58 -34.77 -0.74 24.41
C LYS C 58 -35.73 0.12 25.21
N LYS C 59 -35.22 1.16 25.88
CA LYS C 59 -36.06 2.04 26.69
CA LYS C 59 -36.10 2.02 26.67
C LYS C 59 -36.42 3.35 25.99
N ARG C 60 -35.50 3.82 25.14
CA ARG C 60 -35.65 5.14 24.52
C ARG C 60 -36.01 5.10 23.03
N ALA C 61 -36.05 3.90 22.48
CA ALA C 61 -36.59 3.69 21.12
C ALA C 61 -37.39 2.41 21.13
N ALA C 62 -38.31 2.32 22.09
CA ALA C 62 -38.96 1.06 22.42
C ALA C 62 -39.88 0.55 21.31
N SER C 63 -40.25 1.43 20.37
CA SER C 63 -41.15 1.02 19.32
C SER C 63 -40.38 0.38 18.16
N TYR C 64 -39.08 0.17 18.35
CA TYR C 64 -38.30 -0.57 17.35
C TYR C 64 -37.91 -1.94 17.91
N THR C 65 -38.18 -2.98 17.14
CA THR C 65 -37.64 -4.29 17.47
C THR C 65 -36.18 -4.35 17.07
N ILE C 66 -35.32 -4.73 17.99
CA ILE C 66 -33.89 -4.83 17.72
C ILE C 66 -33.52 -6.25 17.30
N ILE C 67 -33.05 -6.40 16.07
CA ILE C 67 -32.57 -7.68 15.57
C ILE C 67 -31.05 -7.67 15.55
N THR C 68 -30.43 -8.62 16.26
CA THR C 68 -28.98 -8.80 16.19
C THR C 68 -28.59 -10.22 15.83
N GLY C 69 -27.35 -10.37 15.36
CA GLY C 69 -26.75 -11.68 15.27
C GLY C 69 -25.86 -11.86 16.48
N ASN C 70 -24.60 -12.22 16.25
CA ASN C 70 -23.63 -12.34 17.34
C ASN C 70 -23.45 -11.00 18.05
N GLU C 71 -23.31 -11.04 19.37
CA GLU C 71 -23.11 -9.81 20.13
C GLU C 71 -21.79 -9.81 20.88
N GLU C 72 -20.72 -10.31 20.24
CA GLU C 72 -19.42 -10.35 20.89
C GLU C 72 -18.68 -9.03 20.70
N GLY C 73 -18.48 -8.29 21.77
CA GLY C 73 -17.73 -7.05 21.73
C GLY C 73 -18.54 -5.86 21.22
N TYR C 74 -18.47 -5.64 19.91
CA TYR C 74 -19.31 -4.64 19.26
C TYR C 74 -19.89 -5.28 18.00
N PHE C 75 -21.04 -4.79 17.56
CA PHE C 75 -21.81 -5.51 16.54
C PHE C 75 -22.79 -4.62 15.81
N THR C 76 -23.42 -5.19 14.79
CA THR C 76 -24.45 -4.52 14.04
C THR C 76 -25.83 -4.92 14.55
N ALA C 77 -26.83 -4.12 14.21
CA ALA C 77 -28.20 -4.42 14.56
C ALA C 77 -29.10 -3.83 13.50
N ILE C 78 -30.26 -4.44 13.31
CA ILE C 78 -31.26 -3.86 12.45
C ILE C 78 -32.50 -3.64 13.30
N LEU C 79 -32.99 -2.40 13.29
CA LEU C 79 -34.17 -2.02 14.08
C LEU C 79 -35.37 -1.88 13.16
N LEU C 80 -36.49 -2.49 13.54
CA LEU C 80 -37.67 -2.53 12.71
C LEU C 80 -38.84 -1.85 13.43
N LYS C 81 -39.48 -0.89 12.77
CA LYS C 81 -40.58 -0.15 13.42
C LYS C 81 -41.80 -1.07 13.61
N LYS C 82 -42.19 -1.27 14.87
CA LYS C 82 -43.31 -2.15 15.18
CA LYS C 82 -43.31 -2.14 15.20
C LYS C 82 -44.60 -1.62 14.62
N GLY C 83 -45.35 -2.49 13.95
CA GLY C 83 -46.61 -2.12 13.33
C GLY C 83 -46.43 -1.76 11.88
N ARG C 84 -45.24 -1.31 11.52
CA ARG C 84 -44.93 -0.97 10.15
C ARG C 84 -44.26 -2.12 9.41
N VAL C 85 -43.34 -2.80 10.09
CA VAL C 85 -42.46 -3.77 9.44
C VAL C 85 -42.68 -5.09 10.13
N LYS C 86 -42.93 -6.13 9.35
CA LYS C 86 -43.13 -7.44 9.93
C LYS C 86 -41.93 -8.32 9.63
N PHE C 87 -41.31 -8.82 10.70
CA PHE C 87 -40.19 -9.75 10.61
C PHE C 87 -40.65 -11.12 10.09
N LYS C 88 -39.91 -11.67 9.12
CA LYS C 88 -40.19 -13.03 8.66
C LYS C 88 -39.06 -13.98 9.05
N SER C 89 -37.81 -13.58 8.83
CA SER C 89 -36.69 -14.46 9.14
C SER C 89 -35.37 -13.72 9.08
N GLN C 90 -34.35 -14.29 9.71
CA GLN C 90 -33.01 -13.73 9.64
C GLN C 90 -32.00 -14.77 9.17
N GLU C 91 -30.90 -14.30 8.61
CA GLU C 91 -29.84 -15.16 8.13
C GLU C 91 -28.55 -14.44 8.44
N ILE C 92 -27.52 -15.19 8.82
CA ILE C 92 -26.22 -14.60 9.09
C ILE C 92 -25.21 -15.22 8.15
N ILE C 93 -24.54 -14.39 7.38
CA ILE C 93 -23.49 -14.87 6.48
C ILE C 93 -22.13 -14.50 7.04
N PRO C 94 -21.31 -15.51 7.33
CA PRO C 94 -20.01 -15.23 7.95
C PRO C 94 -19.00 -14.70 6.93
N PHE C 95 -18.03 -13.95 7.43
CA PHE C 95 -16.84 -13.58 6.65
C PHE C 95 -15.73 -14.42 7.26
N PRO C 96 -15.41 -15.54 6.61
CA PRO C 96 -14.53 -16.54 7.24
C PRO C 96 -13.15 -16.01 7.59
N ASN C 97 -12.68 -15.00 6.89
CA ASN C 97 -11.33 -14.50 7.10
C ASN C 97 -11.26 -13.18 7.88
N THR C 98 -12.38 -12.76 8.48
CA THR C 98 -12.36 -11.54 9.27
C THR C 98 -11.48 -11.70 10.50
N LYS C 99 -10.81 -10.62 10.88
CA LYS C 99 -10.05 -10.58 12.12
C LYS C 99 -10.74 -9.66 13.13
N MET C 100 -11.91 -9.16 12.76
CA MET C 100 -12.61 -8.15 13.56
C MET C 100 -14.07 -8.54 13.81
N MET C 101 -14.35 -9.84 13.72
CA MET C 101 -15.67 -10.37 14.05
C MET C 101 -16.74 -9.75 13.17
N ARG C 102 -16.41 -9.48 11.91
CA ARG C 102 -17.38 -8.87 11.01
C ARG C 102 -18.20 -9.94 10.25
N ASN C 103 -19.41 -9.58 9.87
CA ASN C 103 -20.26 -10.52 9.16
C ASN C 103 -21.39 -9.79 8.46
N LEU C 104 -22.26 -10.56 7.81
CA LEU C 104 -23.39 -9.99 7.08
C LEU C 104 -24.69 -10.47 7.70
N LEU C 105 -25.44 -9.51 8.24
CA LEU C 105 -26.70 -9.78 8.89
C LEU C 105 -27.79 -9.47 7.87
N CYS C 106 -28.64 -10.45 7.59
CA CYS C 106 -29.75 -10.30 6.66
C CYS C 106 -31.06 -10.56 7.36
N VAL C 107 -32.04 -9.71 7.12
CA VAL C 107 -33.35 -9.87 7.72
C VAL C 107 -34.37 -9.74 6.61
N ASN C 108 -35.23 -10.72 6.51
CA ASN C 108 -36.31 -10.71 5.56
C ASN C 108 -37.54 -10.13 6.24
N VAL C 109 -38.17 -9.15 5.62
CA VAL C 109 -39.32 -8.49 6.22
C VAL C 109 -40.38 -8.18 5.18
N SER C 110 -41.55 -7.80 5.66
CA SER C 110 -42.62 -7.29 4.81
CA SER C 110 -42.59 -7.27 4.79
C SER C 110 -43.00 -5.89 5.31
N LEU C 111 -43.18 -4.97 4.37
CA LEU C 111 -43.59 -3.61 4.68
C LEU C 111 -44.64 -3.30 3.63
N GLY C 112 -45.90 -3.23 4.05
CA GLY C 112 -47.00 -3.17 3.11
C GLY C 112 -47.17 -4.51 2.42
N GLY C 113 -47.40 -4.49 1.11
CA GLY C 113 -47.45 -5.70 0.33
C GLY C 113 -46.12 -5.99 -0.32
N ASN C 114 -45.06 -5.37 0.19
CA ASN C 114 -43.73 -5.51 -0.38
C ASN C 114 -42.79 -6.30 0.53
N GLU C 115 -42.13 -7.29 -0.07
CA GLU C 115 -41.15 -8.10 0.63
C GLU C 115 -39.77 -7.49 0.45
N PHE C 116 -39.00 -7.45 1.52
CA PHE C 116 -37.64 -6.90 1.47
C PHE C 116 -36.66 -7.85 2.10
N CYS C 117 -35.44 -7.83 1.59
CA CYS C 117 -34.31 -8.47 2.24
C CYS C 117 -33.37 -7.36 2.64
N LEU C 118 -33.28 -7.11 3.95
CA LEU C 118 -32.49 -6.01 4.46
C LEU C 118 -31.19 -6.54 4.99
N MET C 119 -30.08 -5.95 4.55
CA MET C 119 -28.77 -6.45 4.96
C MET C 119 -27.94 -5.33 5.54
N THR C 120 -27.16 -5.65 6.57
CA THR C 120 -26.17 -4.70 7.03
C THR C 120 -24.88 -5.39 7.41
N SER C 121 -23.81 -4.62 7.35
CA SER C 121 -22.53 -5.09 7.76
C SER C 121 -21.67 -3.91 8.13
N HIS C 122 -20.61 -4.20 8.86
CA HIS C 122 -19.55 -3.26 9.13
C HIS C 122 -18.29 -3.91 8.54
N LEU C 123 -17.91 -3.53 7.30
CA LEU C 123 -16.83 -4.27 6.63
C LEU C 123 -15.48 -3.98 7.30
N GLU C 124 -14.55 -4.90 7.10
CA GLU C 124 -13.22 -4.83 7.70
C GLU C 124 -12.65 -3.41 7.67
N SER C 125 -12.19 -2.92 8.82
CA SER C 125 -11.75 -1.54 8.97
C SER C 125 -10.27 -1.31 8.63
N THR C 126 -9.94 -0.05 8.37
CA THR C 126 -8.58 0.48 8.18
C THR C 126 -8.01 0.27 6.78
N ARG C 127 -7.12 1.17 6.37
CA ARG C 127 -6.55 1.11 5.03
C ARG C 127 -5.82 -0.21 4.77
N GLU C 128 -5.11 -0.70 5.78
CA GLU C 128 -4.25 -1.86 5.61
C GLU C 128 -5.02 -3.16 5.35
N HIS C 129 -6.31 -3.17 5.65
CA HIS C 129 -7.10 -4.38 5.43
C HIS C 129 -8.03 -4.24 4.21
N SER C 130 -7.52 -3.58 3.19
CA SER C 130 -8.27 -3.37 1.95
C SER C 130 -8.62 -4.68 1.25
N ALA C 131 -7.69 -5.62 1.18
CA ALA C 131 -7.95 -6.85 0.42
C ALA C 131 -9.08 -7.66 1.04
N GLU C 132 -9.13 -7.71 2.38
CA GLU C 132 -10.20 -8.43 3.05
C GLU C 132 -11.51 -7.68 2.90
N ARG C 133 -11.47 -6.36 3.04
CA ARG C 133 -12.67 -5.53 2.87
C ARG C 133 -13.27 -5.74 1.48
N ILE C 134 -12.41 -5.87 0.49
CA ILE C 134 -12.88 -6.11 -0.88
C ILE C 134 -13.50 -7.50 -0.99
N ARG C 135 -12.87 -8.50 -0.38
CA ARG C 135 -13.46 -9.85 -0.42
C ARG C 135 -14.83 -9.85 0.27
N GLN C 136 -14.97 -9.06 1.32
CA GLN C 136 -16.24 -8.98 2.02
C GLN C 136 -17.31 -8.31 1.15
N LEU C 137 -16.94 -7.20 0.51
CA LEU C 137 -17.84 -6.54 -0.43
C LEU C 137 -18.38 -7.53 -1.46
N LYS C 138 -17.50 -8.30 -2.09
CA LYS C 138 -17.91 -9.26 -3.13
C LYS C 138 -18.88 -10.29 -2.57
N THR C 139 -18.63 -10.74 -1.34
CA THR C 139 -19.53 -11.63 -0.64
C THR C 139 -20.93 -11.01 -0.47
N VAL C 140 -20.98 -9.75 -0.04
CA VAL C 140 -22.24 -9.00 0.08
C VAL C 140 -22.95 -8.91 -1.28
N LEU C 141 -22.23 -8.46 -2.30
CA LEU C 141 -22.82 -8.25 -3.61
C LEU C 141 -23.39 -9.57 -4.15
N GLY C 142 -22.67 -10.66 -3.91
CA GLY C 142 -23.12 -11.97 -4.36
C GLY C 142 -24.40 -12.40 -3.66
N LYS C 143 -24.46 -12.18 -2.36
CA LYS C 143 -25.66 -12.49 -1.60
C LYS C 143 -26.85 -11.64 -2.06
N MET C 144 -26.60 -10.38 -2.42
CA MET C 144 -27.69 -9.52 -2.91
C MET C 144 -28.31 -10.09 -4.16
N GLN C 145 -27.48 -10.68 -5.00
CA GLN C 145 -27.94 -11.20 -6.27
C GLN C 145 -28.67 -12.52 -6.11
N GLU C 146 -28.44 -13.22 -4.99
CA GLU C 146 -29.04 -14.54 -4.78
C GLU C 146 -30.50 -14.48 -4.33
N ALA C 147 -30.91 -13.34 -3.79
CA ALA C 147 -32.26 -13.21 -3.26
C ALA C 147 -33.33 -13.49 -4.31
N PRO C 148 -34.49 -14.01 -3.89
CA PRO C 148 -35.58 -14.29 -4.83
C PRO C 148 -35.95 -13.06 -5.65
N ASP C 149 -36.29 -13.27 -6.92
CA ASP C 149 -36.51 -12.17 -7.85
C ASP C 149 -37.58 -11.20 -7.38
N SER C 150 -38.52 -11.70 -6.59
CA SER C 150 -39.67 -10.90 -6.15
C SER C 150 -39.36 -10.00 -4.96
N THR C 151 -38.24 -10.24 -4.29
CA THR C 151 -37.88 -9.47 -3.10
CA THR C 151 -37.89 -9.47 -3.10
C THR C 151 -36.99 -8.28 -3.43
N THR C 152 -37.20 -7.17 -2.74
CA THR C 152 -36.36 -5.99 -2.91
C THR C 152 -35.21 -6.08 -1.92
N VAL C 153 -33.98 -6.04 -2.43
CA VAL C 153 -32.79 -6.18 -1.58
C VAL C 153 -32.14 -4.85 -1.32
N ILE C 154 -31.92 -4.54 -0.05
CA ILE C 154 -31.29 -3.30 0.32
C ILE C 154 -30.18 -3.61 1.29
N PHE C 155 -28.97 -3.16 0.95
CA PHE C 155 -27.85 -3.23 1.88
C PHE C 155 -27.52 -1.82 2.36
N ALA C 156 -27.30 -1.64 3.64
CA ALA C 156 -26.87 -0.35 4.12
C ALA C 156 -25.91 -0.61 5.25
N GLY C 157 -24.74 0.01 5.19
CA GLY C 157 -23.75 -0.22 6.23
C GLY C 157 -22.52 0.66 6.18
N ASP C 158 -21.64 0.43 7.13
CA ASP C 158 -20.35 1.08 7.17
C ASP C 158 -19.38 0.20 6.40
N THR C 159 -19.10 0.60 5.17
CA THR C 159 -18.31 -0.21 4.27
C THR C 159 -16.82 0.04 4.43
N ASN C 160 -16.44 1.17 5.02
CA ASN C 160 -15.03 1.52 5.17
C ASN C 160 -14.29 1.65 3.83
N LEU C 161 -15.05 1.78 2.74
CA LEU C 161 -14.49 1.87 1.40
C LEU C 161 -13.89 3.24 1.07
N ARG C 162 -12.80 3.23 0.33
CA ARG C 162 -12.17 4.48 -0.07
C ARG C 162 -11.69 4.36 -1.49
N ASP C 163 -11.16 5.47 -1.99
CA ASP C 163 -10.61 5.58 -3.34
C ASP C 163 -10.10 4.26 -3.90
N GLN C 164 -10.53 3.94 -5.11
CA GLN C 164 -9.98 2.81 -5.87
C GLN C 164 -10.71 1.50 -5.59
N GLU C 165 -11.08 1.27 -4.34
CA GLU C 165 -11.42 -0.06 -3.89
C GLU C 165 -12.60 -0.70 -4.64
N VAL C 166 -13.66 0.05 -4.89
CA VAL C 166 -14.81 -0.53 -5.58
C VAL C 166 -14.43 -0.87 -7.02
N ILE C 167 -13.52 -0.08 -7.59
CA ILE C 167 -13.03 -0.34 -8.94
C ILE C 167 -12.11 -1.56 -8.94
N LYS C 168 -11.25 -1.65 -7.93
CA LYS C 168 -10.42 -2.84 -7.76
C LYS C 168 -11.30 -4.07 -7.78
N CYS C 169 -12.44 -3.96 -7.12
CA CYS C 169 -13.39 -5.06 -7.01
C CYS C 169 -14.04 -5.39 -8.35
N GLY C 170 -13.86 -4.52 -9.34
CA GLY C 170 -14.48 -4.69 -10.64
C GLY C 170 -15.80 -3.94 -10.77
N GLY C 171 -16.05 -3.03 -9.83
CA GLY C 171 -17.26 -2.22 -9.85
C GLY C 171 -18.48 -3.01 -9.40
N LEU C 172 -19.60 -2.32 -9.23
CA LEU C 172 -20.85 -2.97 -8.87
C LEU C 172 -21.42 -3.71 -10.06
N PRO C 173 -22.08 -4.86 -9.82
CA PRO C 173 -22.77 -5.56 -10.90
C PRO C 173 -23.87 -4.70 -11.54
N ASP C 174 -24.33 -5.08 -12.73
CA ASP C 174 -25.19 -4.19 -13.50
C ASP C 174 -26.62 -4.11 -12.95
N ASN C 175 -26.96 -4.96 -12.00
CA ASN C 175 -28.28 -4.86 -11.36
C ASN C 175 -28.20 -4.45 -9.90
N VAL C 176 -27.04 -3.93 -9.49
CA VAL C 176 -26.88 -3.37 -8.15
C VAL C 176 -26.42 -1.92 -8.25
N PHE C 177 -27.06 -1.06 -7.47
CA PHE C 177 -26.78 0.37 -7.57
C PHE C 177 -26.50 0.96 -6.20
N ASP C 178 -25.68 1.99 -6.19
CA ASP C 178 -25.37 2.76 -5.00
C ASP C 178 -26.32 3.95 -4.99
N ALA C 179 -27.07 4.12 -3.91
CA ALA C 179 -28.13 5.12 -3.89
C ALA C 179 -27.59 6.53 -4.11
N TRP C 180 -26.43 6.84 -3.55
CA TRP C 180 -25.86 8.17 -3.69
C TRP C 180 -25.48 8.41 -5.14
N GLU C 181 -24.88 7.41 -5.76
CA GLU C 181 -24.55 7.48 -7.18
C GLU C 181 -25.80 7.63 -8.04
N PHE C 182 -26.84 6.88 -7.71
CA PHE C 182 -28.10 6.88 -8.47
C PHE C 182 -28.73 8.26 -8.48
N LEU C 183 -28.60 8.96 -7.36
CA LEU C 183 -29.20 10.28 -7.21
C LEU C 183 -28.33 11.37 -7.81
N GLY C 184 -27.21 10.97 -8.42
CA GLY C 184 -26.40 11.92 -9.17
C GLY C 184 -25.27 12.49 -8.35
N LYS C 185 -24.87 11.77 -7.31
CA LYS C 185 -23.74 12.15 -6.48
C LYS C 185 -23.88 13.54 -5.86
N PRO C 186 -25.01 13.80 -5.19
CA PRO C 186 -25.25 15.12 -4.60
C PRO C 186 -24.18 15.48 -3.57
N LYS C 187 -23.69 16.71 -3.62
CA LYS C 187 -22.56 17.11 -2.79
C LYS C 187 -22.90 17.21 -1.31
N HIS C 188 -24.17 17.44 -0.98
CA HIS C 188 -24.57 17.69 0.40
CA HIS C 188 -24.53 17.71 0.40
C HIS C 188 -24.43 16.47 1.30
N CYS C 189 -24.38 15.27 0.71
CA CYS C 189 -24.18 14.07 1.52
C CYS C 189 -23.02 13.21 1.00
N GLN C 190 -22.05 13.83 0.35
CA GLN C 190 -20.95 13.09 -0.27
CA GLN C 190 -20.95 13.08 -0.26
C GLN C 190 -19.94 12.52 0.74
N TYR C 191 -19.92 13.06 1.95
CA TYR C 191 -19.06 12.51 2.99
C TYR C 191 -19.88 12.19 4.22
N THR C 192 -19.69 10.98 4.74
CA THR C 192 -20.40 10.53 5.93
C THR C 192 -19.46 10.45 7.13
N TRP C 193 -18.20 10.80 6.89
CA TRP C 193 -17.18 10.79 7.93
C TRP C 193 -16.21 11.89 7.51
N ASP C 194 -16.08 12.91 8.36
CA ASP C 194 -15.42 14.16 7.95
C ASP C 194 -14.84 14.84 9.18
N THR C 195 -13.52 14.81 9.32
CA THR C 195 -12.90 15.32 10.54
C THR C 195 -12.78 16.83 10.62
N LYS C 196 -13.03 17.51 9.50
CA LYS C 196 -13.06 18.97 9.47
C LYS C 196 -14.38 19.44 10.08
N ALA C 197 -15.45 18.71 9.76
CA ALA C 197 -16.79 19.08 10.20
C ALA C 197 -17.19 18.40 11.51
N ASN C 198 -16.54 17.28 11.82
CA ASN C 198 -16.86 16.49 13.01
C ASN C 198 -15.59 16.30 13.84
N ASN C 199 -15.58 16.78 15.08
CA ASN C 199 -14.36 16.75 15.87
C ASN C 199 -14.39 15.75 17.03
N ASN C 200 -15.27 14.76 16.95
CA ASN C 200 -15.36 13.75 18.02
C ASN C 200 -14.05 13.01 18.28
N LEU C 201 -13.27 12.80 17.22
CA LEU C 201 -12.00 12.08 17.37
C LEU C 201 -10.81 13.02 17.64
N ARG C 202 -11.04 14.33 17.53
CA ARG C 202 -10.02 15.33 17.80
C ARG C 202 -8.82 15.21 16.86
N ILE C 203 -9.06 14.67 15.67
CA ILE C 203 -8.04 14.56 14.64
C ILE C 203 -7.76 15.96 14.05
N PRO C 204 -6.50 16.43 14.13
CA PRO C 204 -6.22 17.80 13.67
C PRO C 204 -6.13 17.92 12.14
N ALA C 205 -6.12 16.79 11.44
CA ALA C 205 -6.14 16.80 9.98
C ALA C 205 -7.58 16.87 9.47
N ALA C 206 -7.73 17.26 8.21
CA ALA C 206 -9.05 17.22 7.55
C ALA C 206 -9.10 16.07 6.55
N TYR C 207 -9.62 14.93 7.00
CA TYR C 207 -9.83 13.81 6.11
C TYR C 207 -11.34 13.57 5.98
N LYS C 208 -11.76 13.17 4.79
CA LYS C 208 -13.19 13.01 4.51
C LYS C 208 -13.42 11.77 3.69
N HIS C 209 -14.40 10.97 4.08
CA HIS C 209 -14.69 9.72 3.37
C HIS C 209 -16.19 9.44 3.29
N ARG C 210 -16.56 8.66 2.29
CA ARG C 210 -17.92 8.18 2.12
C ARG C 210 -17.90 6.70 2.52
N PHE C 211 -17.79 6.46 3.82
CA PHE C 211 -17.68 5.10 4.32
C PHE C 211 -19.04 4.43 4.34
N ASP C 212 -20.06 5.24 4.59
CA ASP C 212 -21.39 4.70 4.80
C ASP C 212 -22.10 4.71 3.46
N ARG C 213 -22.53 3.53 3.02
CA ARG C 213 -23.19 3.41 1.72
C ARG C 213 -24.44 2.55 1.72
N ILE C 214 -25.31 2.83 0.75
CA ILE C 214 -26.52 2.05 0.50
C ILE C 214 -26.50 1.46 -0.91
N PHE C 215 -26.67 0.15 -1.00
CA PHE C 215 -26.77 -0.54 -2.29
C PHE C 215 -28.15 -1.14 -2.40
N PHE C 216 -28.70 -1.19 -3.60
CA PHE C 216 -29.97 -1.86 -3.77
C PHE C 216 -29.98 -2.60 -5.09
N ARG C 217 -30.73 -3.68 -5.17
CA ARG C 217 -30.80 -4.44 -6.41
C ARG C 217 -32.01 -4.01 -7.21
N ALA C 218 -31.83 -3.85 -8.52
CA ALA C 218 -32.93 -3.48 -9.41
C ALA C 218 -32.67 -4.00 -10.82
N GLY C 221 -36.19 -1.13 -13.24
CA GLY C 221 -36.11 0.03 -12.38
C GLY C 221 -37.31 0.13 -11.46
N HIS C 222 -37.49 -0.90 -10.63
CA HIS C 222 -38.62 -1.00 -9.74
CA HIS C 222 -38.64 -0.97 -9.75
C HIS C 222 -38.39 -0.24 -8.43
N LEU C 223 -37.13 0.08 -8.16
CA LEU C 223 -36.78 0.76 -6.91
C LEU C 223 -36.10 2.09 -7.19
N ILE C 224 -36.67 3.17 -6.68
CA ILE C 224 -36.21 4.51 -7.02
C ILE C 224 -35.98 5.34 -5.76
N PRO C 225 -34.69 5.60 -5.46
CA PRO C 225 -34.35 6.51 -4.36
C PRO C 225 -34.95 7.89 -4.55
N GLN C 226 -35.61 8.38 -3.51
CA GLN C 226 -36.28 9.67 -3.58
C GLN C 226 -35.45 10.75 -2.93
N SER C 227 -34.79 10.40 -1.84
CA SER C 227 -33.99 11.38 -1.12
C SER C 227 -32.89 10.69 -0.34
N LEU C 228 -31.83 11.44 -0.07
CA LEU C 228 -30.75 10.98 0.78
C LEU C 228 -30.24 12.20 1.52
N ASP C 229 -30.16 12.12 2.84
CA ASP C 229 -29.71 13.25 3.64
C ASP C 229 -28.85 12.78 4.82
N LEU C 230 -27.95 13.63 5.28
CA LEU C 230 -27.13 13.33 6.44
C LEU C 230 -27.96 13.63 7.67
N VAL C 231 -27.77 12.86 8.74
CA VAL C 231 -28.39 13.17 10.01
C VAL C 231 -27.31 13.08 11.10
N GLY C 232 -27.59 13.67 12.26
CA GLY C 232 -26.63 13.63 13.36
C GLY C 232 -25.65 14.77 13.24
N LEU C 233 -26.01 15.78 12.47
CA LEU C 233 -25.15 16.91 12.17
C LEU C 233 -25.12 17.93 13.31
N GLU C 234 -26.06 17.83 14.22
CA GLU C 234 -26.19 18.79 15.30
C GLU C 234 -25.38 18.36 16.52
N LYS C 235 -24.47 19.21 16.96
CA LYS C 235 -23.68 18.89 18.12
C LYS C 235 -24.56 18.93 19.36
N LEU C 236 -24.34 17.99 20.28
CA LEU C 236 -25.18 17.89 21.47
C LEU C 236 -24.72 18.87 22.54
N ASP C 237 -25.58 19.09 23.53
CA ASP C 237 -25.26 20.04 24.58
C ASP C 237 -24.00 19.67 25.34
N CYS C 238 -23.65 18.38 25.34
CA CYS C 238 -22.45 17.94 26.03
C CYS C 238 -21.20 18.30 25.25
N GLY C 239 -21.37 18.89 24.07
CA GLY C 239 -20.24 19.34 23.26
C GLY C 239 -19.64 18.27 22.35
N ARG C 240 -20.44 17.24 22.04
CA ARG C 240 -19.98 16.14 21.21
C ARG C 240 -21.09 15.82 20.22
N PHE C 241 -20.73 15.33 19.03
CA PHE C 241 -21.73 14.82 18.12
C PHE C 241 -22.18 13.45 18.58
N PRO C 242 -23.33 12.99 18.09
CA PRO C 242 -23.74 11.64 18.51
C PRO C 242 -22.72 10.58 18.15
N SER C 243 -22.06 10.75 17.00
CA SER C 243 -21.03 9.83 16.54
C SER C 243 -19.94 10.57 15.75
N ASP C 244 -18.84 9.87 15.44
CA ASP C 244 -17.84 10.40 14.53
C ASP C 244 -18.31 10.30 13.08
N HIS C 245 -19.31 9.46 12.84
CA HIS C 245 -19.94 9.39 11.50
C HIS C 245 -21.22 10.21 11.48
N TRP C 246 -21.55 10.74 10.31
CA TRP C 246 -22.90 11.20 10.08
C TRP C 246 -23.74 9.99 9.72
N GLY C 247 -25.02 10.01 10.06
CA GLY C 247 -25.93 8.97 9.60
C GLY C 247 -26.49 9.32 8.23
N LEU C 248 -27.07 8.33 7.57
CA LEU C 248 -27.70 8.55 6.28
C LEU C 248 -29.17 8.22 6.37
N LEU C 249 -30.00 9.17 5.97
CA LEU C 249 -31.43 8.94 5.90
C LEU C 249 -31.85 8.87 4.43
N CYS C 250 -32.50 7.77 4.06
CA CYS C 250 -32.84 7.53 2.68
C CYS C 250 -34.29 7.11 2.58
N THR C 251 -34.98 7.59 1.56
CA THR C 251 -36.33 7.13 1.24
C THR C 251 -36.31 6.56 -0.18
N LEU C 252 -36.86 5.37 -0.33
CA LEU C 252 -36.97 4.74 -1.65
C LEU C 252 -38.43 4.49 -1.96
N ASN C 253 -38.80 4.70 -3.21
CA ASN C 253 -40.12 4.32 -3.69
C ASN C 253 -40.01 3.01 -4.47
N VAL C 254 -40.98 2.14 -4.28
CA VAL C 254 -41.05 0.91 -5.05
C VAL C 254 -42.10 1.09 -6.12
N VAL C 255 -41.67 1.09 -7.38
CA VAL C 255 -42.57 1.28 -8.51
C VAL C 255 -42.81 -0.03 -9.24
C FMT E . 14.26 -11.99 -5.40
O1 FMT E . 15.30 -12.37 -4.85
O2 FMT E . 14.24 -11.57 -6.56
MG MG F . 22.32 2.07 5.07
MG MG G . 11.77 3.22 8.90
C FMT H . -45.06 4.51 6.81
O1 FMT H . -44.01 5.18 6.85
O2 FMT H . -45.98 4.69 7.60
MG MG I . -15.82 4.10 16.11
MG MG J . -4.96 3.35 13.53
#